data_8G4H
#
_entry.id   8G4H
#
_cell.length_a   1.00
_cell.length_b   1.00
_cell.length_c   1.00
_cell.angle_alpha   90.00
_cell.angle_beta   90.00
_cell.angle_gamma   90.00
#
_symmetry.space_group_name_H-M   'P 1'
#
loop_
_entity.id
_entity.type
_entity.pdbx_description
1 polymer 'RCG-33 - Cryo-EM imaging scaffold subunit B fused to DARPin'
2 polymer 'GTPase KRas'
3 non-polymer "GUANOSINE-5'-DIPHOSPHATE"
4 non-polymer 'MAGNESIUM ION'
#
loop_
_entity_poly.entity_id
_entity_poly.type
_entity_poly.pdbx_seq_one_letter_code
_entity_poly.pdbx_strand_id
1 'polypeptide(L)'
;MFTRRGDQGETDLANRARVGKDSPVVEVQGTIDELNSFIGYALVLSRWDDIRNDLFRIQNDLFVLGEDVSTGGKGRTVTM
DMIIYLIKRSVEMKAEIGKIELFVVPGGSVESASLHMARAVSRRLERRIKAASELTEINANVLLYANMLSNILFMHALIS
NKRKEELDKKLLEAARAGQDDEVAALLAKGADVNAHDTFGFTPLHLAALYGHLEIVEVLLKRGADINADDSYGRTPLHLA
AMRGHLEIVELLLRWGADVNAADEEGRTPLHLAAKRGHLEIVEVLLKNGADVNAQDKFGKTAFDISIDNGNEDLAEILQK
L
;
A
2 'polypeptide(L)'
;GSMTEYKLVVVGAGCVGKSALTIQLIQNHFVDEYDPTIEDSYRKQVVIDGETSLLDILDTAGQEEYSAMRDQYMRTGEGF
LLVFAINNTKSFEDIHHYREQIKRVKDSEDVPMVLVGNKSDLPSRTVDTKQAQDLARSYGIPFIETSAKTRQGVDDAFYT
LVREIRKHKEK
;
B
#
loop_
_chem_comp.id
_chem_comp.type
_chem_comp.name
_chem_comp.formula
GDP RNA linking GUANOSINE-5'-DIPHOSPHATE 'C10 H15 N5 O11 P2'
MG non-polymer 'MAGNESIUM ION' 'Mg 2'
#
# COMPACT_ATOMS: atom_id res chain seq x y z
N LYS A 169 -3.56 -13.97 -19.05
CA LYS A 169 -4.47 -14.08 -17.91
C LYS A 169 -4.16 -15.33 -17.09
N LYS A 170 -3.99 -16.47 -17.76
CA LYS A 170 -3.59 -17.69 -17.06
C LYS A 170 -2.16 -17.57 -16.55
N LEU A 171 -1.28 -16.91 -17.31
CA LEU A 171 0.10 -16.75 -16.89
C LEU A 171 0.20 -15.90 -15.62
N LEU A 172 -0.59 -14.82 -15.55
CA LEU A 172 -0.58 -13.96 -14.37
C LEU A 172 -1.00 -14.73 -13.12
N GLU A 173 -2.09 -15.49 -13.22
CA GLU A 173 -2.57 -16.27 -12.08
C GLU A 173 -1.59 -17.38 -11.71
N ALA A 174 -0.97 -18.01 -12.71
CA ALA A 174 0.01 -19.05 -12.42
C ALA A 174 1.23 -18.48 -11.70
N ALA A 175 1.69 -17.30 -12.13
CA ALA A 175 2.83 -16.67 -11.48
C ALA A 175 2.47 -16.21 -10.07
N ARG A 176 1.27 -15.67 -9.89
CA ARG A 176 0.85 -15.26 -8.54
C ARG A 176 0.72 -16.45 -7.61
N ALA A 177 0.16 -17.55 -8.10
CA ALA A 177 -0.04 -18.73 -7.25
C ALA A 177 1.28 -19.42 -6.94
N GLY A 178 2.18 -19.49 -7.91
CA GLY A 178 3.46 -20.14 -7.72
C GLY A 178 3.53 -21.51 -8.33
N GLN A 179 3.05 -21.64 -9.56
CA GLN A 179 3.02 -22.92 -10.27
C GLN A 179 4.16 -22.98 -11.27
N ASP A 180 4.99 -24.02 -11.17
CA ASP A 180 6.13 -24.14 -12.07
C ASP A 180 5.74 -24.83 -13.37
N ASP A 181 5.12 -26.00 -13.28
CA ASP A 181 4.75 -26.75 -14.49
C ASP A 181 3.75 -25.97 -15.33
N GLU A 182 2.78 -25.32 -14.68
CA GLU A 182 1.79 -24.55 -15.41
C GLU A 182 2.43 -23.36 -16.13
N VAL A 183 3.36 -22.67 -15.47
CA VAL A 183 4.04 -21.54 -16.10
C VAL A 183 4.87 -22.01 -17.28
N ALA A 184 5.60 -23.13 -17.12
CA ALA A 184 6.40 -23.64 -18.21
C ALA A 184 5.52 -24.05 -19.40
N ALA A 185 4.41 -24.72 -19.13
CA ALA A 185 3.51 -25.12 -20.20
C ALA A 185 2.91 -23.92 -20.92
N LEU A 186 2.50 -22.89 -20.16
CA LEU A 186 1.94 -21.70 -20.79
C LEU A 186 2.99 -20.97 -21.62
N LEU A 187 4.23 -20.90 -21.14
CA LEU A 187 5.29 -20.27 -21.91
C LEU A 187 5.57 -21.03 -23.20
N ALA A 188 5.64 -22.35 -23.12
CA ALA A 188 5.83 -23.15 -24.33
C ALA A 188 4.62 -23.08 -25.27
N LYS A 189 3.44 -22.76 -24.73
CA LYS A 189 2.23 -22.65 -25.52
C LYS A 189 2.13 -21.33 -26.28
N GLY A 190 2.95 -20.35 -25.95
CA GLY A 190 2.96 -19.07 -26.64
C GLY A 190 2.49 -17.88 -25.84
N ALA A 191 2.28 -18.02 -24.54
CA ALA A 191 1.82 -16.89 -23.73
C ALA A 191 2.89 -15.80 -23.68
N ASP A 192 2.45 -14.56 -23.83
CA ASP A 192 3.37 -13.43 -23.82
C ASP A 192 3.96 -13.22 -22.44
N VAL A 193 5.27 -12.96 -22.38
CA VAL A 193 5.95 -12.74 -21.11
C VAL A 193 5.77 -11.34 -20.57
N ASN A 194 5.26 -10.40 -21.38
CA ASN A 194 5.09 -9.02 -20.99
C ASN A 194 3.62 -8.62 -20.89
N ALA A 195 2.75 -9.59 -20.62
CA ALA A 195 1.36 -9.28 -20.35
C ALA A 195 1.23 -8.53 -19.04
N HIS A 196 0.23 -7.66 -18.96
CA HIS A 196 0.00 -6.86 -17.77
C HIS A 196 -1.49 -6.70 -17.53
N ASP A 197 -1.86 -6.48 -16.27
CA ASP A 197 -3.24 -6.26 -15.89
C ASP A 197 -3.53 -4.76 -15.92
N THR A 198 -4.67 -4.36 -15.34
CA THR A 198 -5.13 -2.98 -15.46
C THR A 198 -4.13 -2.00 -14.85
N PHE A 199 -3.62 -2.32 -13.64
CA PHE A 199 -2.66 -1.43 -13.01
C PHE A 199 -1.32 -1.46 -13.72
N GLY A 200 -0.90 -2.63 -14.21
CA GLY A 200 0.31 -2.73 -14.98
C GLY A 200 1.26 -3.80 -14.48
N PHE A 201 0.78 -4.65 -13.58
CA PHE A 201 1.62 -5.71 -13.03
C PHE A 201 1.86 -6.79 -14.08
N THR A 202 3.13 -7.17 -14.24
CA THR A 202 3.57 -8.20 -15.14
C THR A 202 3.82 -9.50 -14.37
N PRO A 203 3.97 -10.63 -15.07
CA PRO A 203 4.29 -11.87 -14.34
C PRO A 203 5.57 -11.76 -13.52
N LEU A 204 6.56 -11.02 -14.01
CA LEU A 204 7.77 -10.82 -13.23
C LEU A 204 7.48 -10.04 -11.96
N HIS A 205 6.62 -9.01 -12.05
CA HIS A 205 6.21 -8.25 -10.88
C HIS A 205 5.64 -9.18 -9.81
N LEU A 206 4.66 -10.01 -10.19
CA LEU A 206 4.00 -10.88 -9.22
C LEU A 206 4.95 -11.94 -8.67
N ALA A 207 5.78 -12.52 -9.54
CA ALA A 207 6.72 -13.55 -9.08
C ALA A 207 7.73 -12.97 -8.09
N ALA A 208 8.20 -11.75 -8.34
CA ALA A 208 9.12 -11.11 -7.40
C ALA A 208 8.40 -10.71 -6.11
N LEU A 209 7.16 -10.25 -6.22
CA LEU A 209 6.42 -9.81 -5.05
C LEU A 209 6.11 -10.96 -4.11
N TYR A 210 5.71 -12.11 -4.66
CA TYR A 210 5.29 -13.22 -3.82
C TYR A 210 6.43 -14.10 -3.35
N GLY A 211 7.56 -14.10 -4.05
CA GLY A 211 8.73 -14.82 -3.57
C GLY A 211 8.97 -16.17 -4.21
N HIS A 212 8.83 -16.25 -5.53
CA HIS A 212 9.03 -17.50 -6.28
C HIS A 212 10.27 -17.34 -7.14
N LEU A 213 11.42 -17.74 -6.58
CA LEU A 213 12.71 -17.48 -7.22
C LEU A 213 12.84 -18.22 -8.55
N GLU A 214 12.41 -19.49 -8.60
CA GLU A 214 12.56 -20.27 -9.83
C GLU A 214 11.75 -19.67 -10.97
N ILE A 215 10.53 -19.22 -10.68
CA ILE A 215 9.71 -18.59 -11.71
C ILE A 215 10.35 -17.29 -12.19
N VAL A 216 10.98 -16.55 -11.27
CA VAL A 216 11.68 -15.33 -11.67
C VAL A 216 12.82 -15.66 -12.61
N GLU A 217 13.60 -16.70 -12.29
CA GLU A 217 14.70 -17.10 -13.17
C GLU A 217 14.17 -17.50 -14.55
N VAL A 218 13.10 -18.29 -14.58
CA VAL A 218 12.56 -18.75 -15.86
C VAL A 218 12.05 -17.59 -16.69
N LEU A 219 11.35 -16.64 -16.05
CA LEU A 219 10.84 -15.47 -16.77
C LEU A 219 11.97 -14.60 -17.28
N LEU A 220 13.03 -14.42 -16.48
CA LEU A 220 14.17 -13.63 -16.94
C LEU A 220 14.85 -14.29 -18.13
N LYS A 221 15.03 -15.62 -18.08
CA LYS A 221 15.68 -16.30 -19.19
C LYS A 221 14.79 -16.35 -20.42
N ARG A 222 13.47 -16.26 -20.25
CA ARG A 222 12.56 -16.32 -21.39
C ARG A 222 12.58 -15.05 -22.21
N GLY A 223 12.94 -13.91 -21.61
CA GLY A 223 12.98 -12.66 -22.35
C GLY A 223 12.07 -11.58 -21.81
N ALA A 224 11.77 -11.64 -20.51
CA ALA A 224 10.91 -10.64 -19.88
C ALA A 224 11.69 -9.34 -19.68
N ASP A 225 10.95 -8.29 -19.35
CA ASP A 225 11.52 -6.97 -19.11
C ASP A 225 11.77 -6.78 -17.62
N ILE A 226 12.95 -6.28 -17.28
CA ILE A 226 13.36 -6.14 -15.88
C ILE A 226 13.17 -4.72 -15.35
N ASN A 227 12.87 -3.75 -16.21
CA ASN A 227 12.66 -2.37 -15.80
C ASN A 227 11.28 -1.89 -16.20
N ALA A 228 10.27 -2.74 -16.04
CA ALA A 228 8.90 -2.40 -16.38
C ALA A 228 8.21 -1.75 -15.19
N ASP A 229 7.40 -0.74 -15.48
CA ASP A 229 6.73 0.05 -14.45
C ASP A 229 5.23 -0.25 -14.43
N ASP A 230 4.63 -0.07 -13.26
CA ASP A 230 3.19 -0.14 -13.10
C ASP A 230 2.62 1.27 -13.17
N SER A 231 1.33 1.41 -12.85
CA SER A 231 0.70 2.72 -12.90
C SER A 231 1.26 3.69 -11.87
N TYR A 232 2.01 3.21 -10.89
CA TYR A 232 2.67 4.08 -9.92
C TYR A 232 4.17 4.16 -10.13
N GLY A 233 4.70 3.50 -11.15
CA GLY A 233 6.11 3.61 -11.48
C GLY A 233 7.04 2.72 -10.70
N ARG A 234 6.54 1.60 -10.15
CA ARG A 234 7.35 0.70 -9.33
C ARG A 234 7.81 -0.48 -10.16
N THR A 235 9.09 -0.79 -10.07
CA THR A 235 9.74 -1.88 -10.78
C THR A 235 9.74 -3.14 -9.91
N PRO A 236 10.04 -4.31 -10.50
CA PRO A 236 10.14 -5.52 -9.67
C PRO A 236 11.14 -5.42 -8.55
N LEU A 237 12.22 -4.64 -8.72
CA LEU A 237 13.16 -4.44 -7.63
C LEU A 237 12.50 -3.73 -6.45
N HIS A 238 11.60 -2.78 -6.74
CA HIS A 238 10.86 -2.11 -5.66
C HIS A 238 10.08 -3.12 -4.84
N LEU A 239 9.33 -4.00 -5.51
CA LEU A 239 8.51 -4.98 -4.80
C LEU A 239 9.37 -5.96 -4.03
N ALA A 240 10.47 -6.42 -4.63
CA ALA A 240 11.35 -7.35 -3.94
C ALA A 240 11.97 -6.71 -2.70
N ALA A 241 12.34 -5.43 -2.80
CA ALA A 241 12.93 -4.74 -1.64
C ALA A 241 11.88 -4.46 -0.57
N MET A 242 10.66 -4.14 -0.97
CA MET A 242 9.61 -3.86 0.01
C MET A 242 9.10 -5.11 0.70
N ARG A 243 9.21 -6.27 0.06
CA ARG A 243 8.76 -7.50 0.70
C ARG A 243 9.83 -8.06 1.64
N GLY A 244 11.07 -8.14 1.17
CA GLY A 244 12.15 -8.64 2.00
C GLY A 244 12.79 -9.89 1.44
N HIS A 245 12.68 -10.09 0.13
CA HIS A 245 13.24 -11.27 -0.53
C HIS A 245 14.67 -10.94 -0.97
N LEU A 246 15.65 -11.48 -0.26
CA LEU A 246 17.04 -11.17 -0.54
C LEU A 246 17.51 -11.83 -1.83
N GLU A 247 17.18 -13.12 -2.01
CA GLU A 247 17.65 -13.85 -3.18
C GLU A 247 17.10 -13.24 -4.47
N ILE A 248 15.82 -12.85 -4.47
CA ILE A 248 15.25 -12.24 -5.65
C ILE A 248 15.90 -10.89 -5.93
N VAL A 249 16.22 -10.14 -4.87
CA VAL A 249 16.93 -8.87 -5.05
C VAL A 249 18.28 -9.10 -5.72
N GLU A 250 19.02 -10.08 -5.23
CA GLU A 250 20.33 -10.38 -5.81
C GLU A 250 20.21 -10.82 -7.27
N LEU A 251 19.24 -11.69 -7.55
CA LEU A 251 19.05 -12.18 -8.92
C LEU A 251 18.66 -11.05 -9.86
N LEU A 252 17.77 -10.15 -9.42
CA LEU A 252 17.40 -9.02 -10.25
C LEU A 252 18.58 -8.08 -10.47
N LEU A 253 19.42 -7.91 -9.44
CA LEU A 253 20.60 -7.07 -9.60
C LEU A 253 21.60 -7.68 -10.58
N ARG A 254 21.76 -9.00 -10.58
CA ARG A 254 22.75 -9.65 -11.44
C ARG A 254 22.38 -9.60 -12.92
N TRP A 255 21.15 -9.21 -13.28
CA TRP A 255 20.74 -9.14 -14.68
C TRP A 255 20.63 -7.71 -15.17
N GLY A 256 21.03 -6.73 -14.38
CA GLY A 256 21.08 -5.35 -14.81
C GLY A 256 19.87 -4.49 -14.47
N ALA A 257 19.20 -4.78 -13.36
CA ALA A 257 18.07 -3.94 -12.95
C ALA A 257 18.56 -2.60 -12.43
N ASP A 258 17.81 -1.55 -12.75
CA ASP A 258 18.17 -0.21 -12.31
C ASP A 258 18.06 -0.12 -10.79
N VAL A 259 19.20 0.04 -10.12
CA VAL A 259 19.20 0.10 -8.66
C VAL A 259 18.78 1.48 -8.15
N ASN A 260 18.75 2.49 -9.03
CA ASN A 260 18.37 3.85 -8.65
C ASN A 260 17.15 4.32 -9.44
N ALA A 261 16.14 3.46 -9.54
CA ALA A 261 14.90 3.85 -10.20
C ALA A 261 14.04 4.69 -9.26
N ALA A 262 13.07 5.38 -9.85
CA ALA A 262 12.19 6.27 -9.11
C ALA A 262 10.74 6.03 -9.52
N ASP A 263 9.86 5.99 -8.52
CA ASP A 263 8.43 5.82 -8.76
C ASP A 263 7.78 7.19 -8.92
N GLU A 264 6.45 7.24 -8.88
CA GLU A 264 5.75 8.50 -9.08
C GLU A 264 6.05 9.51 -7.97
N GLU A 265 6.50 9.05 -6.82
CA GLU A 265 6.98 9.93 -5.76
C GLU A 265 8.50 10.04 -5.73
N GLY A 266 9.18 9.44 -6.69
CA GLY A 266 10.64 9.48 -6.71
C GLY A 266 11.30 8.75 -5.57
N ARG A 267 10.81 7.57 -5.21
CA ARG A 267 11.35 6.79 -4.10
C ARG A 267 12.30 5.74 -4.66
N THR A 268 13.56 5.82 -4.26
CA THR A 268 14.54 4.80 -4.58
C THR A 268 14.19 3.51 -3.83
N PRO A 269 14.50 2.35 -4.40
CA PRO A 269 14.33 1.10 -3.63
C PRO A 269 15.05 1.12 -2.29
N LEU A 270 16.11 1.92 -2.18
CA LEU A 270 16.75 2.11 -0.88
C LEU A 270 15.79 2.74 0.12
N HIS A 271 14.97 3.70 -0.33
CA HIS A 271 14.00 4.32 0.56
C HIS A 271 13.01 3.30 1.10
N LEU A 272 12.48 2.46 0.21
CA LEU A 272 11.51 1.45 0.63
C LEU A 272 12.14 0.44 1.58
N ALA A 273 13.35 -0.04 1.25
CA ALA A 273 14.02 -1.01 2.11
C ALA A 273 14.33 -0.41 3.47
N ALA A 274 14.77 0.85 3.52
CA ALA A 274 15.06 1.49 4.80
C ALA A 274 13.80 1.71 5.61
N LYS A 275 12.71 2.11 4.97
CA LYS A 275 11.46 2.35 5.70
C LYS A 275 10.91 1.05 6.27
N ARG A 276 10.95 -0.04 5.48
CA ARG A 276 10.49 -1.32 6.01
C ARG A 276 11.37 -1.80 7.16
N GLY A 277 12.68 -1.61 7.04
CA GLY A 277 13.61 -2.07 8.06
C GLY A 277 14.36 -3.33 7.67
N HIS A 278 14.66 -3.47 6.39
CA HIS A 278 15.37 -4.64 5.86
C HIS A 278 16.84 -4.27 5.73
N LEU A 279 17.59 -4.49 6.81
CA LEU A 279 18.99 -4.06 6.84
C LEU A 279 19.84 -4.80 5.82
N GLU A 280 19.62 -6.10 5.65
CA GLU A 280 20.42 -6.88 4.71
C GLU A 280 20.17 -6.45 3.28
N ILE A 281 18.91 -6.16 2.93
CA ILE A 281 18.60 -5.67 1.59
C ILE A 281 19.24 -4.30 1.38
N VAL A 282 19.26 -3.47 2.42
CA VAL A 282 19.94 -2.17 2.33
C VAL A 282 21.42 -2.37 2.05
N GLU A 283 22.06 -3.29 2.76
CA GLU A 283 23.48 -3.54 2.55
C GLU A 283 23.76 -4.05 1.14
N VAL A 284 22.91 -4.95 0.64
CA VAL A 284 23.09 -5.47 -0.71
C VAL A 284 22.93 -4.36 -1.74
N LEU A 285 21.91 -3.51 -1.57
CA LEU A 285 21.70 -2.41 -2.51
C LEU A 285 22.85 -1.41 -2.46
N LEU A 286 23.47 -1.23 -1.29
CA LEU A 286 24.61 -0.34 -1.21
C LEU A 286 25.85 -0.96 -1.84
N LYS A 287 26.05 -2.28 -1.66
CA LYS A 287 27.19 -2.95 -2.28
C LYS A 287 27.08 -2.92 -3.80
N ASN A 288 25.87 -3.13 -4.32
CA ASN A 288 25.70 -3.07 -5.78
C ASN A 288 25.87 -1.68 -6.33
N GLY A 289 25.90 -0.65 -5.48
CA GLY A 289 26.18 0.70 -5.92
C GLY A 289 24.96 1.58 -6.06
N ALA A 290 24.68 2.40 -5.05
CA ALA A 290 23.54 3.30 -5.07
C ALA A 290 23.83 4.48 -4.15
N ASP A 291 23.45 5.67 -4.59
CA ASP A 291 23.72 6.88 -3.83
C ASP A 291 22.88 6.90 -2.55
N VAL A 292 23.54 7.19 -1.42
CA VAL A 292 22.84 7.22 -0.15
C VAL A 292 21.89 8.40 -0.07
N ASN A 293 22.34 9.57 -0.53
CA ASN A 293 21.58 10.81 -0.40
C ASN A 293 20.87 11.09 -1.73
N ALA A 294 19.67 10.53 -1.86
CA ALA A 294 18.78 10.82 -2.99
C ALA A 294 17.48 11.37 -2.45
N GLN A 295 17.06 12.52 -2.97
CA GLN A 295 15.85 13.20 -2.50
C GLN A 295 14.68 12.86 -3.41
N ASP A 296 13.55 12.53 -2.79
CA ASP A 296 12.32 12.25 -3.52
C ASP A 296 11.64 13.57 -3.88
N LYS A 297 10.40 13.50 -4.38
CA LYS A 297 9.67 14.70 -4.72
C LYS A 297 9.22 15.49 -3.50
N PHE A 298 9.36 14.93 -2.29
CA PHE A 298 8.98 15.61 -1.07
C PHE A 298 10.18 16.00 -0.22
N GLY A 299 11.37 16.04 -0.81
CA GLY A 299 12.55 16.49 -0.11
C GLY A 299 12.97 15.63 1.06
N LYS A 300 12.99 14.31 0.86
CA LYS A 300 13.33 13.37 1.92
C LYS A 300 14.36 12.38 1.40
N THR A 301 15.25 11.94 2.29
CA THR A 301 16.28 10.95 1.99
C THR A 301 16.15 9.75 2.91
N ALA A 302 16.96 8.73 2.63
CA ALA A 302 16.94 7.53 3.46
C ALA A 302 17.38 7.83 4.88
N PHE A 303 18.37 8.72 5.04
CA PHE A 303 18.83 9.09 6.38
C PHE A 303 17.71 9.77 7.17
N ASP A 304 16.93 10.63 6.50
CA ASP A 304 15.80 11.25 7.17
C ASP A 304 14.75 10.22 7.58
N ILE A 305 14.55 9.19 6.74
CA ILE A 305 13.63 8.12 7.10
C ILE A 305 14.12 7.38 8.32
N SER A 306 15.43 7.12 8.39
CA SER A 306 16.01 6.46 9.55
C SER A 306 15.84 7.33 10.80
N ILE A 307 16.01 8.64 10.67
CA ILE A 307 15.81 9.54 11.80
C ILE A 307 14.36 9.49 12.27
N ASP A 308 13.42 9.52 11.33
CA ASP A 308 12.01 9.48 11.69
C ASP A 308 11.64 8.17 12.38
N ASN A 309 12.12 7.05 11.84
CA ASN A 309 11.88 5.76 12.50
C ASN A 309 12.68 5.63 13.79
N GLY A 310 13.86 6.24 13.84
CA GLY A 310 14.70 6.16 15.01
C GLY A 310 15.53 4.90 15.12
N ASN A 311 15.62 4.11 14.05
CA ASN A 311 16.37 2.87 14.10
C ASN A 311 17.87 3.17 14.17
N GLU A 312 18.54 2.60 15.17
CA GLU A 312 19.96 2.86 15.36
C GLU A 312 20.82 2.13 14.34
N ASP A 313 20.48 0.88 14.04
CA ASP A 313 21.29 0.09 13.12
C ASP A 313 21.26 0.69 11.71
N LEU A 314 20.09 1.14 11.26
CA LEU A 314 19.98 1.76 9.94
C LEU A 314 20.82 3.03 9.86
N ALA A 315 20.78 3.86 10.90
CA ALA A 315 21.60 5.06 10.93
C ALA A 315 23.09 4.72 10.94
N GLU A 316 23.47 3.69 11.69
CA GLU A 316 24.87 3.27 11.71
C GLU A 316 25.33 2.82 10.33
N ILE A 317 24.50 2.05 9.63
CA ILE A 317 24.86 1.58 8.29
C ILE A 317 24.95 2.76 7.33
N LEU A 318 24.00 3.69 7.39
CA LEU A 318 23.99 4.79 6.44
C LEU A 318 25.16 5.75 6.67
N GLN A 319 25.47 6.07 7.93
CA GLN A 319 26.52 7.04 8.20
C GLN A 319 27.90 6.52 7.85
N LYS A 320 28.13 5.21 8.04
CA LYS A 320 29.43 4.62 7.72
C LYS A 320 29.70 4.65 6.23
N MET B 3 3.92 23.42 6.25
CA MET B 3 2.79 22.50 6.25
C MET B 3 2.80 21.62 7.50
N THR B 4 1.83 20.71 7.57
CA THR B 4 1.73 19.73 8.64
C THR B 4 1.47 18.36 8.05
N GLU B 5 1.99 17.33 8.72
CA GLU B 5 1.83 15.95 8.29
C GLU B 5 0.73 15.30 9.12
N TYR B 6 -0.27 14.75 8.44
CA TYR B 6 -1.38 14.05 9.08
C TYR B 6 -1.33 12.59 8.66
N LYS B 7 -1.29 11.69 9.64
CA LYS B 7 -1.22 10.26 9.40
C LYS B 7 -2.63 9.67 9.36
N LEU B 8 -3.00 9.09 8.23
CA LEU B 8 -4.30 8.49 8.02
C LEU B 8 -4.12 7.01 7.72
N VAL B 9 -4.82 6.15 8.46
CA VAL B 9 -4.71 4.70 8.33
C VAL B 9 -6.05 4.15 7.90
N VAL B 10 -6.07 3.43 6.79
CA VAL B 10 -7.29 2.84 6.23
C VAL B 10 -7.35 1.39 6.67
N VAL B 11 -8.42 1.02 7.40
CA VAL B 11 -8.55 -0.33 7.93
C VAL B 11 -9.93 -0.87 7.58
N GLY B 12 -10.03 -2.19 7.57
CA GLY B 12 -11.26 -2.86 7.19
C GLY B 12 -10.98 -4.28 6.77
N ALA B 13 -12.05 -4.94 6.34
CA ALA B 13 -11.97 -6.34 5.92
C ALA B 13 -11.37 -6.43 4.53
N GLY B 14 -11.35 -7.62 3.96
CA GLY B 14 -10.82 -7.83 2.63
C GLY B 14 -11.87 -7.67 1.56
N CYS B 15 -11.43 -7.23 0.38
CA CYS B 15 -12.30 -7.03 -0.78
C CYS B 15 -13.43 -6.05 -0.48
N VAL B 16 -13.15 -5.03 0.33
CA VAL B 16 -14.13 -3.99 0.61
C VAL B 16 -13.86 -2.71 -0.20
N GLY B 17 -12.64 -2.51 -0.69
CA GLY B 17 -12.35 -1.39 -1.55
C GLY B 17 -11.42 -0.34 -0.96
N LYS B 18 -10.53 -0.75 -0.05
CA LYS B 18 -9.59 0.19 0.54
C LYS B 18 -8.57 0.67 -0.49
N SER B 19 -7.97 -0.27 -1.23
CA SER B 19 -7.00 0.10 -2.25
C SER B 19 -7.64 0.95 -3.33
N ALA B 20 -8.86 0.60 -3.73
CA ALA B 20 -9.56 1.37 -4.75
C ALA B 20 -9.79 2.81 -4.29
N LEU B 21 -10.21 2.99 -3.03
CA LEU B 21 -10.43 4.35 -2.52
C LEU B 21 -9.13 5.14 -2.45
N THR B 22 -8.06 4.52 -1.96
CA THR B 22 -6.79 5.24 -1.84
C THR B 22 -6.25 5.64 -3.21
N ILE B 23 -6.33 4.73 -4.19
CA ILE B 23 -5.86 5.05 -5.54
C ILE B 23 -6.77 6.10 -6.17
N GLN B 24 -8.08 6.04 -5.90
CA GLN B 24 -8.99 7.03 -6.44
C GLN B 24 -8.67 8.43 -5.90
N LEU B 25 -8.30 8.51 -4.61
CA LEU B 25 -7.91 9.80 -4.05
C LEU B 25 -6.59 10.29 -4.64
N ILE B 26 -5.57 9.42 -4.66
CA ILE B 26 -4.23 9.87 -5.01
C ILE B 26 -4.12 10.18 -6.51
N GLN B 27 -4.70 9.33 -7.37
CA GLN B 27 -4.50 9.45 -8.81
C GLN B 27 -5.74 9.87 -9.58
N ASN B 28 -6.91 9.92 -8.95
CA ASN B 28 -8.17 10.23 -9.64
C ASN B 28 -8.43 9.24 -10.78
N HIS B 29 -8.48 7.97 -10.42
CA HIS B 29 -8.59 6.88 -11.39
C HIS B 29 -9.01 5.61 -10.66
N PHE B 30 -9.93 4.86 -11.25
CA PHE B 30 -10.47 3.64 -10.66
C PHE B 30 -9.77 2.43 -11.26
N VAL B 31 -9.20 1.59 -10.39
CA VAL B 31 -8.47 0.40 -10.81
C VAL B 31 -9.41 -0.79 -10.71
N ASP B 32 -9.61 -1.47 -11.84
CA ASP B 32 -10.55 -2.59 -11.88
C ASP B 32 -10.11 -3.71 -10.96
N GLU B 33 -8.84 -4.07 -10.99
CA GLU B 33 -8.31 -5.16 -10.18
C GLU B 33 -6.96 -4.78 -9.62
N TYR B 34 -6.78 -5.02 -8.32
CA TYR B 34 -5.54 -4.71 -7.62
C TYR B 34 -5.12 -5.94 -6.82
N ASP B 35 -3.82 -6.05 -6.58
CA ASP B 35 -3.31 -7.19 -5.82
C ASP B 35 -3.82 -7.12 -4.39
N PRO B 36 -4.39 -8.20 -3.85
CA PRO B 36 -5.00 -8.15 -2.52
C PRO B 36 -4.00 -8.15 -1.37
N THR B 37 -2.69 -8.22 -1.64
CA THR B 37 -1.70 -8.35 -0.58
C THR B 37 -0.75 -7.17 -0.49
N ILE B 38 -0.75 -6.25 -1.45
CA ILE B 38 0.20 -5.14 -1.45
C ILE B 38 -0.24 -4.12 -0.41
N GLU B 39 0.67 -3.78 0.50
CA GLU B 39 0.47 -2.74 1.50
C GLU B 39 1.54 -1.67 1.29
N ASP B 40 1.10 -0.42 1.14
CA ASP B 40 2.03 0.64 0.77
C ASP B 40 1.54 1.97 1.32
N SER B 41 2.46 2.93 1.38
CA SER B 41 2.19 4.27 1.86
C SER B 41 2.20 5.25 0.69
N TYR B 42 1.17 6.08 0.60
CA TYR B 42 1.04 7.09 -0.44
C TYR B 42 1.04 8.47 0.19
N ARG B 43 1.43 9.47 -0.59
CA ARG B 43 1.50 10.83 -0.09
C ARG B 43 0.79 11.78 -1.06
N LYS B 44 0.05 12.73 -0.50
CA LYS B 44 -0.67 13.73 -1.28
C LYS B 44 -0.59 15.07 -0.56
N GLN B 45 -0.66 16.14 -1.34
CA GLN B 45 -0.71 17.49 -0.80
C GLN B 45 -2.01 18.15 -1.23
N VAL B 46 -2.83 18.54 -0.25
CA VAL B 46 -4.18 19.02 -0.53
C VAL B 46 -4.48 20.23 0.34
N VAL B 47 -5.40 21.06 -0.14
CA VAL B 47 -5.84 22.25 0.59
C VAL B 47 -7.27 22.00 1.08
N ILE B 48 -7.45 22.05 2.39
CA ILE B 48 -8.73 21.84 3.04
C ILE B 48 -9.18 23.17 3.63
N ASP B 49 -10.43 23.56 3.35
CA ASP B 49 -10.95 24.85 3.75
C ASP B 49 -10.05 25.97 3.22
N GLY B 50 -9.23 26.54 4.10
CA GLY B 50 -8.30 27.57 3.68
C GLY B 50 -6.88 27.33 4.13
N GLU B 51 -6.51 26.06 4.32
CA GLU B 51 -5.15 25.70 4.74
C GLU B 51 -4.66 24.54 3.90
N THR B 52 -3.43 24.66 3.41
CA THR B 52 -2.78 23.57 2.70
C THR B 52 -2.09 22.64 3.69
N SER B 53 -1.97 21.37 3.31
CA SER B 53 -1.42 20.36 4.20
C SER B 53 -0.99 19.15 3.39
N LEU B 54 -0.28 18.25 4.07
CA LEU B 54 0.24 17.03 3.48
C LEU B 54 -0.31 15.82 4.23
N LEU B 55 -0.73 14.80 3.50
CA LEU B 55 -1.32 13.59 4.07
C LEU B 55 -0.54 12.37 3.58
N ASP B 56 -0.16 11.51 4.50
CA ASP B 56 0.45 10.21 4.17
C ASP B 56 -0.48 9.12 4.65
N ILE B 57 -0.86 8.22 3.73
CA ILE B 57 -1.92 7.24 3.94
C ILE B 57 -1.34 5.85 3.77
N LEU B 58 -1.58 4.98 4.75
CA LEU B 58 -1.16 3.59 4.69
C LEU B 58 -2.33 2.74 4.23
N ASP B 59 -2.16 2.03 3.11
CA ASP B 59 -3.20 1.17 2.56
C ASP B 59 -3.00 -0.23 3.12
N THR B 60 -3.63 -0.49 4.27
CA THR B 60 -3.48 -1.77 4.94
C THR B 60 -4.10 -2.89 4.11
N ALA B 61 -3.42 -4.05 4.10
CA ALA B 61 -3.90 -5.22 3.38
C ALA B 61 -4.51 -6.27 4.30
N GLY B 62 -3.81 -6.65 5.36
CA GLY B 62 -4.34 -7.63 6.28
C GLY B 62 -3.48 -7.74 7.51
N GLN B 63 -3.77 -8.79 8.30
CA GLN B 63 -3.05 -9.06 9.54
C GLN B 63 -2.42 -10.45 9.50
N GLU B 64 -2.00 -10.89 8.31
CA GLU B 64 -1.50 -12.25 8.15
C GLU B 64 -0.12 -12.41 8.79
N GLU B 65 0.76 -11.44 8.62
CA GLU B 65 2.10 -11.51 9.19
C GLU B 65 2.45 -10.18 9.84
N TYR B 66 3.34 -10.23 10.82
CA TYR B 66 3.75 -9.04 11.56
C TYR B 66 4.64 -8.16 10.70
N SER B 67 4.39 -6.85 10.74
CA SER B 67 5.19 -5.87 10.03
C SER B 67 5.55 -4.75 10.99
N ALA B 68 6.82 -4.32 10.93
CA ALA B 68 7.26 -3.22 11.80
C ALA B 68 6.68 -1.89 11.34
N MET B 69 6.66 -1.65 10.03
CA MET B 69 6.11 -0.41 9.51
C MET B 69 4.62 -0.27 9.83
N ARG B 70 3.88 -1.36 9.66
CA ARG B 70 2.44 -1.34 9.95
C ARG B 70 2.19 -1.07 11.43
N ASP B 71 2.95 -1.71 12.31
CA ASP B 71 2.79 -1.48 13.75
C ASP B 71 3.16 -0.04 14.11
N GLN B 72 4.23 0.49 13.52
CA GLN B 72 4.63 1.87 13.79
C GLN B 72 3.55 2.85 13.34
N TYR B 73 2.95 2.61 12.17
CA TYR B 73 1.85 3.45 11.71
C TYR B 73 0.65 3.34 12.64
N MET B 74 0.35 2.12 13.10
CA MET B 74 -0.79 1.91 13.97
C MET B 74 -0.61 2.65 15.30
N ARG B 75 0.60 2.61 15.86
CA ARG B 75 0.85 3.26 17.14
C ARG B 75 1.04 4.77 17.02
N THR B 76 1.23 5.30 15.82
CA THR B 76 1.47 6.72 15.61
C THR B 76 0.39 7.41 14.80
N GLY B 77 -0.29 6.69 13.91
CA GLY B 77 -1.31 7.27 13.07
C GLY B 77 -2.42 7.94 13.84
N GLU B 78 -2.79 9.15 13.42
CA GLU B 78 -3.78 9.92 14.16
C GLU B 78 -5.21 9.59 13.71
N GLY B 79 -5.47 9.64 12.41
CA GLY B 79 -6.81 9.41 11.89
C GLY B 79 -6.98 8.00 11.35
N PHE B 80 -8.19 7.46 11.53
CA PHE B 80 -8.48 6.11 11.05
C PHE B 80 -9.76 6.11 10.22
N LEU B 81 -9.73 5.34 9.14
CA LEU B 81 -10.85 5.22 8.20
C LEU B 81 -11.31 3.77 8.22
N LEU B 82 -12.44 3.50 8.88
CA LEU B 82 -12.97 2.15 9.00
C LEU B 82 -13.94 1.90 7.84
N VAL B 83 -13.54 1.02 6.91
CA VAL B 83 -14.27 0.83 5.67
C VAL B 83 -15.04 -0.47 5.72
N PHE B 84 -16.25 -0.47 5.14
CA PHE B 84 -17.00 -1.71 4.95
C PHE B 84 -17.81 -1.60 3.68
N ALA B 85 -18.19 -2.77 3.15
CA ALA B 85 -18.97 -2.85 1.92
C ALA B 85 -20.45 -3.06 2.25
N ILE B 86 -21.31 -2.39 1.49
CA ILE B 86 -22.74 -2.45 1.77
C ILE B 86 -23.30 -3.83 1.46
N ASN B 87 -22.82 -4.47 0.39
CA ASN B 87 -23.39 -5.73 -0.06
C ASN B 87 -22.92 -6.93 0.76
N ASN B 88 -21.94 -6.76 1.65
CA ASN B 88 -21.49 -7.81 2.54
C ASN B 88 -21.73 -7.39 3.97
N THR B 89 -22.21 -8.32 4.80
CA THR B 89 -22.51 -8.03 6.19
C THR B 89 -21.42 -8.51 7.15
N LYS B 90 -20.59 -9.48 6.75
CA LYS B 90 -19.47 -9.90 7.59
C LYS B 90 -18.48 -8.75 7.78
N SER B 91 -18.25 -7.98 6.71
CA SER B 91 -17.40 -6.80 6.83
C SER B 91 -17.97 -5.81 7.83
N PHE B 92 -19.30 -5.62 7.80
CA PHE B 92 -19.94 -4.74 8.78
C PHE B 92 -19.79 -5.27 10.20
N GLU B 93 -19.84 -6.59 10.36
CA GLU B 93 -19.66 -7.18 11.69
C GLU B 93 -18.24 -6.98 12.20
N ASP B 94 -17.24 -7.06 11.31
CA ASP B 94 -15.84 -6.97 11.72
C ASP B 94 -15.43 -5.57 12.19
N ILE B 95 -16.29 -4.56 11.99
CA ILE B 95 -15.94 -3.19 12.33
C ILE B 95 -15.75 -3.03 13.83
N HIS B 96 -16.56 -3.73 14.64
CA HIS B 96 -16.39 -3.65 16.08
C HIS B 96 -15.02 -4.16 16.51
N HIS B 97 -14.59 -5.29 15.96
CA HIS B 97 -13.28 -5.84 16.30
C HIS B 97 -12.17 -4.91 15.84
N TYR B 98 -12.30 -4.34 14.63
CA TYR B 98 -11.29 -3.41 14.14
C TYR B 98 -11.17 -2.19 15.06
N ARG B 99 -12.30 -1.62 15.46
CA ARG B 99 -12.28 -0.45 16.32
C ARG B 99 -11.71 -0.80 17.69
N GLU B 100 -12.04 -1.99 18.21
CA GLU B 100 -11.48 -2.41 19.49
C GLU B 100 -9.97 -2.55 19.40
N GLN B 101 -9.46 -3.13 18.32
CA GLN B 101 -8.01 -3.27 18.17
C GLN B 101 -7.35 -1.91 18.08
N ILE B 102 -7.94 -0.98 17.32
CA ILE B 102 -7.37 0.36 17.19
C ILE B 102 -7.36 1.05 18.55
N LYS B 103 -8.46 0.96 19.30
CA LYS B 103 -8.51 1.58 20.62
C LYS B 103 -7.47 0.96 21.56
N ARG B 104 -7.30 -0.36 21.50
CA ARG B 104 -6.34 -1.02 22.38
C ARG B 104 -4.91 -0.59 22.08
N VAL B 105 -4.54 -0.55 20.80
CA VAL B 105 -3.17 -0.21 20.45
C VAL B 105 -2.89 1.28 20.71
N LYS B 106 -3.91 2.13 20.56
CA LYS B 106 -3.73 3.58 20.66
C LYS B 106 -4.15 4.13 22.03
N ASP B 107 -4.36 3.26 23.01
CA ASP B 107 -4.70 3.63 24.39
C ASP B 107 -6.08 4.27 24.51
N SER B 108 -6.76 4.45 23.38
CA SER B 108 -8.21 4.72 23.34
C SER B 108 -8.60 5.98 24.12
N GLU B 109 -7.88 7.08 23.92
CA GLU B 109 -8.29 8.34 24.56
C GLU B 109 -9.33 9.08 23.73
N ASP B 110 -8.95 9.58 22.57
CA ASP B 110 -9.87 10.32 21.70
C ASP B 110 -9.60 10.00 20.24
N VAL B 111 -9.39 8.73 19.93
CA VAL B 111 -8.94 8.35 18.58
C VAL B 111 -9.97 8.77 17.56
N PRO B 112 -9.61 9.59 16.56
CA PRO B 112 -10.58 10.00 15.54
C PRO B 112 -10.71 8.96 14.43
N MET B 113 -11.94 8.51 14.21
CA MET B 113 -12.25 7.50 13.21
C MET B 113 -13.46 7.95 12.39
N VAL B 114 -13.52 7.47 11.16
CA VAL B 114 -14.60 7.79 10.24
C VAL B 114 -15.12 6.49 9.63
N LEU B 115 -16.44 6.27 9.71
CA LEU B 115 -17.06 5.09 9.13
C LEU B 115 -17.34 5.34 7.66
N VAL B 116 -16.98 4.38 6.81
CA VAL B 116 -17.10 4.53 5.37
C VAL B 116 -17.85 3.33 4.80
N GLY B 117 -18.85 3.60 3.97
CA GLY B 117 -19.55 2.57 3.24
C GLY B 117 -19.23 2.61 1.76
N ASN B 118 -18.51 1.62 1.27
CA ASN B 118 -18.05 1.58 -0.11
C ASN B 118 -19.02 0.75 -0.96
N LYS B 119 -18.77 0.76 -2.27
CA LYS B 119 -19.54 -0.02 -3.24
C LYS B 119 -21.02 0.38 -3.27
N SER B 120 -21.31 1.66 -3.03
CA SER B 120 -22.68 2.14 -3.00
C SER B 120 -23.24 2.42 -4.39
N ASP B 121 -22.60 1.92 -5.44
CA ASP B 121 -23.12 2.04 -6.80
C ASP B 121 -23.71 0.72 -7.32
N LEU B 122 -23.89 -0.26 -6.44
CA LEU B 122 -24.51 -1.53 -6.78
C LEU B 122 -25.94 -1.61 -6.23
N PRO B 123 -26.90 -1.99 -7.07
CA PRO B 123 -28.30 -2.04 -6.61
C PRO B 123 -28.59 -3.15 -5.60
N SER B 124 -27.68 -4.13 -5.46
CA SER B 124 -27.87 -5.24 -4.53
C SER B 124 -27.06 -4.97 -3.28
N ARG B 125 -27.73 -5.01 -2.12
CA ARG B 125 -27.07 -4.72 -0.86
C ARG B 125 -27.81 -5.41 0.27
N THR B 126 -27.03 -5.92 1.23
CA THR B 126 -27.58 -6.58 2.41
C THR B 126 -27.58 -5.70 3.65
N VAL B 127 -26.87 -4.57 3.63
CA VAL B 127 -26.80 -3.66 4.75
C VAL B 127 -27.43 -2.34 4.31
N ASP B 128 -28.28 -1.79 5.17
CA ASP B 128 -29.00 -0.56 4.89
C ASP B 128 -28.38 0.60 5.67
N THR B 129 -28.81 1.81 5.29
CA THR B 129 -28.28 3.02 5.92
C THR B 129 -28.66 3.13 7.39
N LYS B 130 -29.78 2.54 7.79
CA LYS B 130 -30.23 2.65 9.18
C LYS B 130 -29.21 2.04 10.14
N GLN B 131 -28.79 0.80 9.87
CA GLN B 131 -27.84 0.14 10.76
C GLN B 131 -26.51 0.86 10.82
N ALA B 132 -25.99 1.28 9.66
CA ALA B 132 -24.70 1.96 9.64
C ALA B 132 -24.76 3.29 10.37
N GLN B 133 -25.83 4.07 10.14
CA GLN B 133 -25.96 5.36 10.82
C GLN B 133 -26.13 5.19 12.32
N ASP B 134 -26.91 4.18 12.74
CA ASP B 134 -27.08 3.93 14.17
C ASP B 134 -25.75 3.54 14.80
N LEU B 135 -24.98 2.67 14.14
CA LEU B 135 -23.69 2.27 14.68
C LEU B 135 -22.73 3.46 14.77
N ALA B 136 -22.71 4.30 13.72
CA ALA B 136 -21.82 5.46 13.73
C ALA B 136 -22.20 6.43 14.85
N ARG B 137 -23.51 6.65 15.05
CA ARG B 137 -23.93 7.53 16.13
C ARG B 137 -23.64 6.93 17.50
N SER B 138 -23.70 5.60 17.62
CA SER B 138 -23.29 4.95 18.86
C SER B 138 -21.81 5.17 19.13
N TYR B 139 -20.98 5.04 18.09
CA TYR B 139 -19.55 5.29 18.24
C TYR B 139 -19.23 6.78 18.34
N GLY B 140 -20.18 7.65 17.98
CA GLY B 140 -19.92 9.07 17.97
C GLY B 140 -18.92 9.50 16.92
N ILE B 141 -18.97 8.88 15.74
CA ILE B 141 -18.06 9.21 14.65
C ILE B 141 -18.89 9.50 13.39
N PRO B 142 -18.39 10.33 12.48
CA PRO B 142 -19.13 10.57 11.23
C PRO B 142 -19.14 9.34 10.34
N PHE B 143 -20.20 9.25 9.54
CA PHE B 143 -20.41 8.16 8.59
C PHE B 143 -20.60 8.74 7.20
N ILE B 144 -19.89 8.19 6.22
CA ILE B 144 -19.94 8.66 4.84
C ILE B 144 -20.09 7.47 3.91
N GLU B 145 -21.00 7.56 2.96
CA GLU B 145 -21.14 6.56 1.92
C GLU B 145 -20.27 6.94 0.73
N THR B 146 -19.54 5.96 0.19
CA THR B 146 -18.53 6.22 -0.82
C THR B 146 -18.71 5.23 -1.97
N SER B 147 -18.31 5.66 -3.17
CA SER B 147 -18.26 4.78 -4.33
C SER B 147 -16.99 5.08 -5.10
N ALA B 148 -16.14 4.06 -5.26
CA ALA B 148 -14.88 4.24 -5.95
C ALA B 148 -15.05 4.34 -7.46
N LYS B 149 -16.18 3.90 -8.00
CA LYS B 149 -16.40 4.00 -9.44
C LYS B 149 -16.89 5.39 -9.84
N THR B 150 -17.88 5.92 -9.12
CA THR B 150 -18.40 7.25 -9.40
C THR B 150 -17.70 8.35 -8.62
N ARG B 151 -16.77 7.99 -7.74
CA ARG B 151 -15.95 8.93 -6.97
C ARG B 151 -16.78 9.84 -6.07
N GLN B 152 -17.98 9.41 -5.67
CA GLN B 152 -18.78 10.18 -4.74
C GLN B 152 -18.31 9.90 -3.31
N GLY B 153 -17.96 10.95 -2.58
CA GLY B 153 -17.54 10.82 -1.20
C GLY B 153 -16.10 10.41 -1.01
N VAL B 154 -15.34 10.20 -2.09
CA VAL B 154 -13.95 9.77 -1.95
C VAL B 154 -13.14 10.83 -1.22
N ASP B 155 -13.26 12.08 -1.66
CA ASP B 155 -12.57 13.18 -1.00
C ASP B 155 -13.26 13.61 0.28
N ASP B 156 -14.59 13.49 0.35
CA ASP B 156 -15.33 13.92 1.52
C ASP B 156 -14.93 13.12 2.76
N ALA B 157 -14.69 11.81 2.60
CA ALA B 157 -14.31 10.99 3.74
C ALA B 157 -12.98 11.43 4.33
N PHE B 158 -11.98 11.62 3.48
CA PHE B 158 -10.66 12.05 3.97
C PHE B 158 -10.72 13.45 4.55
N TYR B 159 -11.48 14.36 3.93
CA TYR B 159 -11.58 15.71 4.45
C TYR B 159 -12.31 15.73 5.80
N THR B 160 -13.34 14.91 5.96
CA THR B 160 -14.00 14.80 7.24
C THR B 160 -13.07 14.22 8.29
N LEU B 161 -12.25 13.24 7.91
CA LEU B 161 -11.28 12.69 8.84
C LEU B 161 -10.28 13.74 9.31
N VAL B 162 -9.74 14.54 8.37
CA VAL B 162 -8.77 15.55 8.79
C VAL B 162 -9.44 16.65 9.61
N ARG B 163 -10.70 16.99 9.30
CA ARG B 163 -11.42 17.97 10.12
C ARG B 163 -11.62 17.45 11.54
N GLU B 164 -11.96 16.16 11.68
CA GLU B 164 -12.08 15.57 13.00
C GLU B 164 -10.73 15.54 13.71
N ILE B 165 -9.65 15.31 12.97
CA ILE B 165 -8.31 15.33 13.55
C ILE B 165 -8.01 16.71 14.12
N ARG B 166 -8.33 17.77 13.36
CA ARG B 166 -8.11 19.12 13.85
C ARG B 166 -8.90 19.38 15.13
N LYS B 167 -10.11 18.82 15.24
CA LYS B 167 -10.91 19.00 16.44
C LYS B 167 -10.25 18.38 17.65
N HIS B 168 -9.63 17.20 17.50
CA HIS B 168 -8.97 16.55 18.63
C HIS B 168 -7.82 17.41 19.14
N LYS B 169 -7.01 17.97 18.24
CA LYS B 169 -5.92 18.83 18.66
C LYS B 169 -6.44 20.12 19.30
N GLU B 170 -7.51 20.68 18.74
CA GLU B 170 -8.10 21.89 19.29
C GLU B 170 -8.87 21.59 20.57
PB GDP C . -9.05 -4.14 -0.80
O1B GDP C . -9.00 -5.65 -0.76
O2B GDP C . -9.55 -3.63 0.52
O3B GDP C . -7.67 -3.61 -1.07
O3A GDP C . -10.06 -3.67 -1.97
PA GDP C . -9.78 -4.08 -3.49
O1A GDP C . -8.89 -5.29 -3.58
O2A GDP C . -9.17 -2.92 -4.24
O5' GDP C . -11.24 -4.39 -4.07
C5' GDP C . -11.47 -5.58 -4.82
C4' GDP C . -12.51 -5.31 -5.89
O4' GDP C . -13.60 -4.56 -5.36
C3' GDP C . -11.93 -4.49 -7.04
O3' GDP C . -11.72 -5.33 -8.17
C2' GDP C . -12.97 -3.44 -7.36
O2' GDP C . -13.43 -3.61 -8.69
C1' GDP C . -14.10 -3.68 -6.37
N9 GDP C . -14.54 -2.40 -5.79
C8 GDP C . -13.91 -1.70 -4.82
N7 GDP C . -14.58 -0.57 -4.52
C5 GDP C . -15.68 -0.53 -5.31
C6 GDP C . -16.83 0.39 -5.49
O6 GDP C . -16.92 1.44 -4.83
N1 GDP C . -17.75 0.06 -6.41
C2 GDP C . -17.66 -1.07 -7.14
N2 GDP C . -18.63 -1.32 -8.05
N3 GDP C . -16.64 -1.94 -7.02
C4 GDP C . -15.64 -1.73 -6.13
MG MG D . -5.42 -3.84 -1.14
#